data_6RS2
#
_entry.id   6RS2
#
_cell.length_a   91.392
_cell.length_b   141.363
_cell.length_c   87.898
_cell.angle_alpha   90.00
_cell.angle_beta   90.00
_cell.angle_gamma   90.00
#
_symmetry.space_group_name_H-M   'C 1 2 1'
#
_entity_poly.entity_id   1
_entity_poly.type   'polypeptide(L)'
_entity_poly.pdbx_seq_one_letter_code
;LNMIQGALELRTKTVEDIMTQLQDCFMIRSDAILDFNTMSEIMESGYTRIPVFEDEQSNIVDILYVKDLAFVDPDDCTPL
KTITRFYNHPVHFVFHDTKLDAMLEEFKKGKSHLAIVQKVNNEGEGDPFYEVLGLVTLEDVIEEIIKSEILDE
;
_entity_poly.pdbx_strand_id   B,C,D,A
#
# COMPACT_ATOMS: atom_id res chain seq x y z
N ASN A 2 -10.84 21.07 -12.49
CA ASN A 2 -10.45 20.13 -13.53
C ASN A 2 -10.81 18.70 -13.15
N MET A 3 -10.16 18.19 -12.11
CA MET A 3 -10.55 16.91 -11.54
C MET A 3 -12.00 16.91 -11.12
N ILE A 4 -12.45 18.02 -10.52
CA ILE A 4 -13.86 18.15 -10.10
C ILE A 4 -14.77 18.12 -11.31
N GLN A 5 -14.42 18.86 -12.36
CA GLN A 5 -15.21 18.86 -13.58
C GLN A 5 -15.32 17.46 -14.16
N GLY A 6 -14.21 16.71 -14.17
CA GLY A 6 -14.24 15.36 -14.70
C GLY A 6 -15.11 14.43 -13.87
N ALA A 7 -15.00 14.52 -12.54
CA ALA A 7 -15.80 13.64 -11.69
C ALA A 7 -17.29 13.97 -11.80
N LEU A 8 -17.64 15.26 -11.80
CA LEU A 8 -19.04 15.64 -11.85
C LEU A 8 -19.66 15.26 -13.19
N GLU A 9 -19.00 15.64 -14.29
CA GLU A 9 -19.49 15.18 -15.59
C GLU A 9 -19.49 13.66 -15.67
N LEU A 10 -18.65 13.00 -14.89
CA LEU A 10 -18.65 11.55 -14.86
C LEU A 10 -19.91 11.00 -14.19
N ARG A 11 -20.39 11.67 -13.14
CA ARG A 11 -21.57 11.15 -12.44
C ARG A 11 -22.89 11.74 -12.90
N THR A 12 -22.90 12.80 -13.72
CA THR A 12 -24.16 13.26 -14.28
C THR A 12 -24.57 12.53 -15.56
N LYS A 13 -23.62 12.34 -16.49
CA LYS A 13 -23.98 11.89 -17.83
C LYS A 13 -24.41 10.43 -17.83
N THR A 14 -25.56 10.16 -18.42
CA THR A 14 -26.02 8.80 -18.66
C THR A 14 -25.39 8.29 -19.96
N VAL A 15 -25.16 6.97 -20.02
CA VAL A 15 -24.58 6.37 -21.21
C VAL A 15 -25.39 6.70 -22.46
N GLU A 16 -26.68 6.98 -22.29
CA GLU A 16 -27.53 7.37 -23.42
C GLU A 16 -27.05 8.68 -24.05
N ASP A 17 -26.65 9.65 -23.21
CA ASP A 17 -26.08 10.89 -23.73
C ASP A 17 -24.75 10.64 -24.44
N ILE A 18 -23.92 9.75 -23.90
CA ILE A 18 -22.62 9.48 -24.48
C ILE A 18 -22.75 8.64 -25.76
N MET A 19 -23.80 7.84 -25.87
CA MET A 19 -23.79 6.68 -26.76
C MET A 19 -23.80 7.08 -28.23
N THR A 20 -23.36 6.14 -29.05
CA THR A 20 -23.50 6.22 -30.50
C THR A 20 -24.77 5.48 -30.90
N GLN A 21 -25.66 6.14 -31.62
CA GLN A 21 -26.93 5.55 -31.96
C GLN A 21 -26.74 4.33 -32.85
N LEU A 22 -27.72 3.42 -32.79
CA LEU A 22 -27.59 2.14 -33.49
C LEU A 22 -27.56 2.33 -35.01
N GLN A 23 -28.43 3.19 -35.54
CA GLN A 23 -28.48 3.42 -36.98
C GLN A 23 -27.15 3.88 -37.53
N ASP A 24 -26.36 4.58 -36.71
CA ASP A 24 -25.07 5.10 -37.13
C ASP A 24 -23.91 4.18 -36.79
N CYS A 25 -24.16 3.07 -36.10
CA CYS A 25 -23.09 2.15 -35.75
C CYS A 25 -22.52 1.50 -37.01
N PHE A 26 -21.31 0.96 -36.89
CA PHE A 26 -20.76 0.05 -37.87
C PHE A 26 -20.79 -1.34 -37.28
N MET A 27 -21.66 -2.18 -37.80
CA MET A 27 -21.83 -3.56 -37.38
C MET A 27 -21.40 -4.48 -38.51
N ILE A 28 -21.47 -5.78 -38.27
CA ILE A 28 -21.19 -6.76 -39.31
C ILE A 28 -22.08 -7.97 -39.07
N ARG A 29 -22.68 -8.47 -40.15
CA ARG A 29 -23.50 -9.67 -40.05
C ARG A 29 -22.63 -10.87 -39.69
N SER A 30 -23.21 -11.81 -38.96
CA SER A 30 -22.44 -12.94 -38.48
C SER A 30 -22.16 -13.98 -39.56
N ASP A 31 -22.83 -13.90 -40.71
CA ASP A 31 -22.57 -14.80 -41.82
C ASP A 31 -21.60 -14.22 -42.82
N ALA A 32 -21.14 -12.99 -42.62
CA ALA A 32 -20.21 -12.35 -43.53
C ALA A 32 -18.91 -13.15 -43.62
N ILE A 33 -18.27 -13.07 -44.79
CA ILE A 33 -17.00 -13.75 -45.00
C ILE A 33 -15.93 -12.70 -45.23
N LEU A 34 -14.68 -13.11 -44.99
CA LEU A 34 -13.54 -12.24 -44.73
C LEU A 34 -12.77 -11.83 -45.98
N ASP A 35 -13.40 -11.83 -47.16
CA ASP A 35 -12.70 -11.47 -48.38
C ASP A 35 -12.23 -10.01 -48.36
N PHE A 36 -11.60 -9.57 -49.46
CA PHE A 36 -10.83 -8.34 -49.45
C PHE A 36 -11.70 -7.12 -49.11
N ASN A 37 -12.90 -7.05 -49.71
CA ASN A 37 -13.79 -5.94 -49.41
C ASN A 37 -14.13 -5.88 -47.93
N THR A 38 -14.42 -7.04 -47.33
CA THR A 38 -14.78 -7.09 -45.93
C THR A 38 -13.64 -6.60 -45.04
N MET A 39 -12.45 -7.19 -45.21
CA MET A 39 -11.31 -6.80 -44.38
C MET A 39 -10.97 -5.33 -44.56
N SER A 40 -11.01 -4.85 -45.81
CA SER A 40 -10.71 -3.45 -46.08
C SER A 40 -11.72 -2.54 -45.41
N GLU A 41 -12.99 -2.93 -45.43
CA GLU A 41 -14.02 -2.16 -44.74
C GLU A 41 -13.77 -2.12 -43.24
N ILE A 42 -13.50 -3.29 -42.64
CA ILE A 42 -13.22 -3.37 -41.22
C ILE A 42 -12.02 -2.49 -40.86
N MET A 43 -11.01 -2.45 -41.73
CA MET A 43 -9.83 -1.65 -41.45
C MET A 43 -10.12 -0.16 -41.53
N GLU A 44 -10.76 0.29 -42.61
CA GLU A 44 -11.03 1.72 -42.77
C GLU A 44 -12.09 2.22 -41.80
N SER A 45 -12.88 1.32 -41.20
CA SER A 45 -13.85 1.73 -40.20
C SER A 45 -13.16 2.34 -38.99
N GLY A 46 -12.01 1.79 -38.61
CA GLY A 46 -11.27 2.28 -37.47
C GLY A 46 -11.74 1.78 -36.12
N TYR A 47 -12.78 0.94 -36.09
CA TYR A 47 -13.23 0.36 -34.84
C TYR A 47 -12.33 -0.79 -34.44
N THR A 48 -11.95 -0.83 -33.16
CA THR A 48 -11.17 -1.95 -32.64
C THR A 48 -12.03 -3.09 -32.14
N ARG A 49 -13.31 -2.85 -31.85
CA ARG A 49 -14.25 -3.89 -31.46
C ARG A 49 -15.56 -3.67 -32.20
N ILE A 50 -15.92 -4.61 -33.08
CA ILE A 50 -17.09 -4.52 -33.94
C ILE A 50 -18.21 -5.42 -33.42
N PRO A 51 -19.45 -4.93 -33.31
CA PRO A 51 -20.55 -5.82 -32.90
C PRO A 51 -20.96 -6.77 -34.04
N VAL A 52 -21.32 -7.98 -33.67
CA VAL A 52 -21.69 -9.02 -34.63
C VAL A 52 -23.14 -9.42 -34.37
N PHE A 53 -23.99 -9.26 -35.37
CA PHE A 53 -25.43 -9.45 -35.20
C PHE A 53 -25.98 -10.49 -36.17
N GLU A 54 -27.13 -11.07 -35.80
CA GLU A 54 -27.86 -12.05 -36.59
C GLU A 54 -29.22 -11.48 -36.97
N ASP A 55 -29.65 -11.74 -38.20
CA ASP A 55 -30.91 -11.21 -38.72
C ASP A 55 -30.94 -9.69 -38.60
N GLU A 56 -31.84 -9.17 -37.79
CA GLU A 56 -31.98 -7.74 -37.61
C GLU A 56 -30.82 -7.17 -36.81
N GLN A 57 -30.51 -5.90 -37.08
CA GLN A 57 -29.41 -5.22 -36.40
C GLN A 57 -29.60 -5.20 -34.90
N SER A 58 -30.86 -5.26 -34.43
CA SER A 58 -31.13 -5.12 -33.00
C SER A 58 -30.71 -6.35 -32.21
N ASN A 59 -30.58 -7.50 -32.85
CA ASN A 59 -30.14 -8.71 -32.17
C ASN A 59 -28.63 -8.81 -32.33
N ILE A 60 -27.91 -8.52 -31.26
CA ILE A 60 -26.44 -8.54 -31.29
C ILE A 60 -26.01 -9.80 -30.56
N VAL A 61 -25.57 -10.80 -31.33
CA VAL A 61 -25.20 -12.10 -30.79
C VAL A 61 -23.75 -12.18 -30.30
N ASP A 62 -22.81 -11.48 -30.94
CA ASP A 62 -21.39 -11.67 -30.64
C ASP A 62 -20.66 -10.33 -30.71
N ILE A 63 -19.34 -10.40 -30.46
CA ILE A 63 -18.42 -9.27 -30.56
C ILE A 63 -17.15 -9.74 -31.25
N LEU A 64 -16.64 -8.93 -32.19
CA LEU A 64 -15.39 -9.19 -32.89
C LEU A 64 -14.34 -8.21 -32.39
N TYR A 65 -13.34 -8.72 -31.65
CA TYR A 65 -12.13 -7.96 -31.46
C TYR A 65 -11.36 -7.95 -32.77
N VAL A 66 -11.09 -6.75 -33.29
CA VAL A 66 -10.45 -6.68 -34.60
C VAL A 66 -9.02 -7.23 -34.55
N LYS A 67 -8.35 -7.16 -33.39
CA LYS A 67 -6.96 -7.59 -33.31
C LYS A 67 -6.83 -9.10 -33.53
N ASP A 68 -7.87 -9.86 -33.18
CA ASP A 68 -7.89 -11.29 -33.50
C ASP A 68 -7.58 -11.52 -34.97
N LEU A 69 -8.13 -10.67 -35.84
CA LEU A 69 -8.06 -10.79 -37.29
C LEU A 69 -6.61 -10.81 -37.77
N ALA A 70 -5.68 -10.53 -36.85
CA ALA A 70 -4.27 -10.72 -37.14
C ALA A 70 -4.01 -12.08 -37.80
N PHE A 71 -4.58 -13.15 -37.27
CA PHE A 71 -4.17 -14.47 -37.76
C PHE A 71 -5.01 -14.97 -38.93
N VAL A 72 -5.87 -14.13 -39.49
CA VAL A 72 -6.65 -14.46 -40.68
C VAL A 72 -6.01 -13.81 -41.90
N ASP A 73 -6.17 -14.47 -43.06
CA ASP A 73 -5.82 -13.87 -44.33
C ASP A 73 -7.05 -13.83 -45.24
N PRO A 74 -7.26 -12.74 -45.96
CA PRO A 74 -8.50 -12.61 -46.76
C PRO A 74 -8.57 -13.52 -47.97
N ASP A 75 -7.43 -14.03 -48.45
CA ASP A 75 -7.47 -14.98 -49.57
C ASP A 75 -8.07 -16.31 -49.16
N ASP A 76 -8.14 -16.60 -47.86
CA ASP A 76 -8.75 -17.84 -47.39
C ASP A 76 -10.27 -17.80 -47.44
N CYS A 77 -10.89 -16.63 -47.42
CA CYS A 77 -12.35 -16.48 -47.39
C CYS A 77 -12.94 -17.20 -46.19
N THR A 78 -12.44 -16.81 -45.04
CA THR A 78 -12.77 -17.41 -43.77
C THR A 78 -14.08 -16.84 -43.24
N PRO A 79 -15.04 -17.69 -42.84
CA PRO A 79 -16.29 -17.15 -42.33
C PRO A 79 -16.06 -16.46 -40.99
N LEU A 80 -16.67 -15.29 -40.82
CA LEU A 80 -16.64 -14.64 -39.51
C LEU A 80 -17.27 -15.53 -38.46
N LYS A 81 -18.19 -16.42 -38.87
CA LYS A 81 -18.80 -17.35 -37.93
C LYS A 81 -17.78 -18.25 -37.25
N THR A 82 -16.73 -18.68 -38.00
CA THR A 82 -15.67 -19.50 -37.44
C THR A 82 -14.90 -18.74 -36.37
N ILE A 83 -14.56 -17.49 -36.63
CA ILE A 83 -13.81 -16.69 -35.65
C ILE A 83 -14.67 -16.47 -34.42
N THR A 84 -15.91 -16.02 -34.61
CA THR A 84 -16.80 -15.75 -33.49
C THR A 84 -17.01 -17.00 -32.64
N ARG A 85 -17.21 -18.15 -33.29
CA ARG A 85 -17.35 -19.39 -32.56
C ARG A 85 -16.04 -19.80 -31.89
N PHE A 86 -14.90 -19.40 -32.47
CA PHE A 86 -13.61 -19.84 -31.94
C PHE A 86 -13.22 -19.07 -30.68
N TYR A 87 -13.32 -17.74 -30.72
CA TYR A 87 -12.96 -16.96 -29.55
C TYR A 87 -14.07 -16.93 -28.51
N ASN A 88 -15.34 -16.86 -28.95
CA ASN A 88 -16.48 -16.72 -28.06
C ASN A 88 -16.28 -15.58 -27.07
N HIS A 89 -16.25 -14.34 -27.56
CA HIS A 89 -16.04 -13.16 -26.72
C HIS A 89 -17.37 -12.75 -26.06
N PRO A 90 -17.33 -12.21 -24.85
CA PRO A 90 -18.60 -11.87 -24.18
C PRO A 90 -19.23 -10.58 -24.71
N VAL A 91 -20.56 -10.55 -24.70
CA VAL A 91 -21.34 -9.37 -25.05
C VAL A 91 -21.79 -8.70 -23.75
N HIS A 92 -21.74 -7.38 -23.71
CA HIS A 92 -22.08 -6.59 -22.53
C HIS A 92 -23.29 -5.72 -22.81
N PHE A 93 -24.32 -5.87 -21.99
CA PHE A 93 -25.53 -5.06 -22.03
C PHE A 93 -25.58 -4.17 -20.78
N VAL A 94 -26.20 -3.00 -20.92
CA VAL A 94 -26.25 -2.07 -19.80
C VAL A 94 -27.51 -1.21 -19.91
N PHE A 95 -28.02 -0.80 -18.76
CA PHE A 95 -29.26 -0.04 -18.67
C PHE A 95 -29.02 1.41 -19.07
N HIS A 96 -29.99 1.97 -19.79
CA HIS A 96 -29.84 3.31 -20.36
C HIS A 96 -29.67 4.39 -19.29
N ASP A 97 -30.06 4.11 -18.05
CA ASP A 97 -29.92 5.07 -16.96
C ASP A 97 -28.59 4.98 -16.24
N THR A 98 -27.71 4.07 -16.65
CA THR A 98 -26.46 3.86 -15.92
C THR A 98 -25.52 5.04 -16.11
N LYS A 99 -25.04 5.59 -14.99
CA LYS A 99 -24.12 6.72 -15.03
C LYS A 99 -22.73 6.26 -15.49
N LEU A 100 -21.94 7.23 -15.98
CA LEU A 100 -20.69 6.92 -16.66
C LEU A 100 -19.71 6.21 -15.74
N ASP A 101 -19.58 6.70 -14.51
CA ASP A 101 -18.61 6.10 -13.58
C ASP A 101 -18.96 4.64 -13.31
N ALA A 102 -20.24 4.35 -13.10
CA ALA A 102 -20.69 2.98 -12.95
C ALA A 102 -20.30 2.13 -14.16
N MET A 103 -20.46 2.70 -15.35
CA MET A 103 -20.03 1.99 -16.56
C MET A 103 -18.53 1.69 -16.51
N LEU A 104 -17.73 2.66 -16.07
CA LEU A 104 -16.31 2.39 -15.87
C LEU A 104 -16.12 1.24 -14.90
N GLU A 105 -16.98 1.13 -13.89
CA GLU A 105 -16.88 -0.01 -12.98
C GLU A 105 -17.18 -1.32 -13.70
N GLU A 106 -18.15 -1.32 -14.61
CA GLU A 106 -18.48 -2.55 -15.31
C GLU A 106 -17.34 -2.97 -16.24
N PHE A 107 -16.81 -2.04 -17.03
CA PHE A 107 -15.67 -2.34 -17.89
C PHE A 107 -14.46 -2.77 -17.08
N LYS A 108 -14.24 -2.12 -15.93
CA LYS A 108 -13.07 -2.43 -15.09
C LYS A 108 -13.10 -3.85 -14.56
N LYS A 109 -14.30 -4.44 -14.45
CA LYS A 109 -14.45 -5.79 -13.95
C LYS A 109 -13.96 -6.84 -14.95
N GLY A 110 -13.50 -6.42 -16.13
CA GLY A 110 -12.96 -7.32 -17.12
C GLY A 110 -13.85 -7.55 -18.31
N LYS A 111 -15.05 -6.98 -18.30
CA LYS A 111 -15.97 -7.15 -19.42
C LYS A 111 -15.42 -6.46 -20.67
N SER A 112 -15.99 -6.84 -21.81
CA SER A 112 -15.61 -6.21 -23.07
C SER A 112 -15.79 -4.70 -22.97
N HIS A 113 -14.92 -3.98 -23.67
CA HIS A 113 -14.92 -2.53 -23.60
C HIS A 113 -15.98 -1.90 -24.50
N LEU A 114 -16.84 -2.71 -25.11
CA LEU A 114 -18.04 -2.25 -25.80
C LEU A 114 -19.27 -2.79 -25.08
N ALA A 115 -20.26 -1.91 -24.86
CA ALA A 115 -21.46 -2.18 -24.06
C ALA A 115 -22.70 -1.77 -24.83
N ILE A 116 -23.74 -2.59 -24.81
CA ILE A 116 -24.96 -2.29 -25.56
C ILE A 116 -26.00 -1.69 -24.60
N VAL A 117 -26.61 -0.60 -25.02
CA VAL A 117 -27.52 0.19 -24.19
C VAL A 117 -28.95 -0.32 -24.42
N GLN A 118 -29.62 -0.70 -23.34
CA GLN A 118 -30.98 -1.25 -23.40
C GLN A 118 -31.94 -0.34 -22.66
N LYS A 119 -33.12 -0.14 -23.25
CA LYS A 119 -34.24 0.52 -22.61
C LYS A 119 -35.41 -0.44 -22.48
N VAL A 120 -36.26 -0.20 -21.48
CA VAL A 120 -37.51 -0.93 -21.34
C VAL A 120 -38.58 -0.19 -22.15
N ASN A 121 -39.34 -0.95 -22.94
CA ASN A 121 -40.29 -0.40 -23.90
C ASN A 121 -41.68 -0.90 -23.55
N ASN A 122 -42.55 -0.01 -23.07
CA ASN A 122 -43.89 -0.34 -22.63
C ASN A 122 -44.97 -0.08 -23.67
N GLU A 123 -44.59 0.33 -24.88
CA GLU A 123 -45.53 1.03 -25.76
C GLU A 123 -46.37 0.11 -26.63
N GLY A 124 -46.25 -1.21 -26.52
CA GLY A 124 -47.06 -2.07 -27.36
C GLY A 124 -46.91 -3.56 -27.18
N ASP A 127 -46.91 -7.57 -25.04
CA ASP A 127 -45.97 -7.69 -23.94
C ASP A 127 -44.76 -6.79 -24.12
N PRO A 128 -44.44 -6.02 -23.08
CA PRO A 128 -43.28 -5.12 -23.14
C PRO A 128 -41.97 -5.88 -23.28
N PHE A 129 -40.97 -5.19 -23.83
CA PHE A 129 -39.69 -5.81 -24.19
C PHE A 129 -38.56 -4.82 -23.96
N TYR A 130 -37.34 -5.34 -23.97
CA TYR A 130 -36.13 -4.53 -23.88
C TYR A 130 -35.71 -4.04 -25.25
N GLU A 131 -35.26 -2.78 -25.33
CA GLU A 131 -34.99 -2.10 -26.60
C GLU A 131 -33.53 -1.73 -26.68
N VAL A 132 -32.91 -1.99 -27.83
CA VAL A 132 -31.49 -1.72 -28.04
C VAL A 132 -31.38 -0.33 -28.67
N LEU A 133 -30.89 0.63 -27.89
CA LEU A 133 -30.75 2.02 -28.36
C LEU A 133 -29.48 2.24 -29.15
N GLY A 134 -28.40 1.55 -28.77
CA GLY A 134 -27.09 1.79 -29.37
C GLY A 134 -26.04 1.09 -28.53
N LEU A 135 -24.80 1.57 -28.66
CA LEU A 135 -23.72 1.06 -27.83
C LEU A 135 -22.85 2.22 -27.34
N VAL A 136 -22.10 1.93 -26.29
CA VAL A 136 -21.18 2.87 -25.65
C VAL A 136 -19.90 2.12 -25.36
N THR A 137 -18.76 2.76 -25.61
CA THR A 137 -17.47 2.13 -25.42
C THR A 137 -16.71 2.87 -24.33
N LEU A 138 -15.79 2.15 -23.69
CA LEU A 138 -14.89 2.76 -22.72
C LEU A 138 -14.25 4.02 -23.29
N GLU A 139 -13.84 3.95 -24.56
CA GLU A 139 -13.25 5.08 -25.26
C GLU A 139 -14.22 6.26 -25.32
N ASP A 140 -15.50 5.97 -25.63
CA ASP A 140 -16.55 6.98 -25.59
C ASP A 140 -16.59 7.68 -24.24
N VAL A 141 -16.55 6.91 -23.16
CA VAL A 141 -16.58 7.47 -21.82
C VAL A 141 -15.42 8.42 -21.61
N ILE A 142 -14.19 7.95 -21.87
CA ILE A 142 -13.02 8.77 -21.59
C ILE A 142 -13.02 10.04 -22.42
N GLU A 143 -13.36 9.92 -23.71
CA GLU A 143 -13.53 11.09 -24.57
C GLU A 143 -14.51 12.08 -23.94
N GLU A 144 -15.64 11.59 -23.45
CA GLU A 144 -16.61 12.49 -22.83
C GLU A 144 -16.11 13.09 -21.53
N ILE A 145 -15.06 12.51 -20.91
CA ILE A 145 -14.47 13.22 -19.78
C ILE A 145 -13.58 14.35 -20.26
N ILE A 146 -12.77 14.14 -21.31
CA ILE A 146 -11.82 15.20 -21.66
C ILE A 146 -12.45 16.37 -22.41
N LYS A 147 -13.70 16.25 -22.87
CA LYS A 147 -14.34 17.38 -23.53
C LYS A 147 -15.11 18.22 -22.51
N ASN B 2 -15.76 14.81 3.81
CA ASN B 2 -15.45 13.56 3.12
C ASN B 2 -15.15 13.82 1.65
N MET B 3 -16.11 14.39 0.92
CA MET B 3 -15.86 14.85 -0.45
C MET B 3 -14.61 15.72 -0.51
N ILE B 4 -14.39 16.53 0.52
CA ILE B 4 -13.19 17.36 0.59
C ILE B 4 -11.94 16.48 0.64
N GLN B 5 -11.92 15.51 1.56
CA GLN B 5 -10.74 14.67 1.76
C GLN B 5 -10.44 13.84 0.51
N GLY B 6 -11.46 13.25 -0.10
CA GLY B 6 -11.24 12.55 -1.35
C GLY B 6 -10.76 13.48 -2.45
N ALA B 7 -11.31 14.69 -2.49
CA ALA B 7 -10.95 15.64 -3.54
C ALA B 7 -9.49 16.05 -3.45
N LEU B 8 -9.07 16.57 -2.30
CA LEU B 8 -7.69 17.02 -2.13
C LEU B 8 -6.71 15.86 -2.06
N GLU B 9 -7.17 14.68 -1.60
CA GLU B 9 -6.33 13.49 -1.67
C GLU B 9 -6.08 13.09 -3.12
N LEU B 10 -7.08 13.28 -3.98
CA LEU B 10 -6.85 13.14 -5.41
C LEU B 10 -5.87 14.19 -5.90
N ARG B 11 -6.15 15.46 -5.61
CA ARG B 11 -5.32 16.56 -6.08
C ARG B 11 -3.88 16.50 -5.56
N THR B 12 -3.63 15.73 -4.51
CA THR B 12 -2.28 15.65 -3.96
C THR B 12 -1.46 14.49 -4.52
N LYS B 13 -2.09 13.56 -5.24
CA LYS B 13 -1.34 12.45 -5.81
C LYS B 13 -0.50 12.92 -6.99
N THR B 14 0.56 12.17 -7.27
CA THR B 14 1.34 12.38 -8.49
C THR B 14 1.21 11.17 -9.40
N VAL B 15 1.83 11.30 -10.58
CA VAL B 15 1.81 10.20 -11.53
C VAL B 15 2.64 9.04 -11.01
N GLU B 16 3.69 9.32 -10.24
CA GLU B 16 4.49 8.27 -9.61
C GLU B 16 3.64 7.36 -8.75
N ASP B 17 2.64 7.91 -8.05
CA ASP B 17 1.81 7.15 -7.13
C ASP B 17 0.74 6.33 -7.83
N ILE B 18 0.49 6.63 -9.09
CA ILE B 18 -0.53 5.96 -9.91
C ILE B 18 0.09 5.00 -10.91
N MET B 19 1.06 5.47 -11.68
CA MET B 19 1.63 4.79 -12.83
C MET B 19 1.92 3.31 -12.63
N THR B 20 1.61 2.51 -13.63
CA THR B 20 2.13 1.17 -13.65
C THR B 20 3.64 1.25 -13.76
N GLN B 21 4.31 0.43 -12.97
CA GLN B 21 5.76 0.38 -12.92
C GLN B 21 6.33 -0.19 -14.22
N LEU B 22 7.51 0.32 -14.59
CA LEU B 22 8.16 -0.11 -15.82
C LEU B 22 8.40 -1.61 -15.86
N GLN B 23 8.70 -2.22 -14.72
CA GLN B 23 8.99 -3.64 -14.69
C GLN B 23 7.75 -4.50 -14.88
N ASP B 24 6.56 -3.97 -14.60
CA ASP B 24 5.32 -4.71 -14.84
C ASP B 24 4.67 -4.36 -16.18
N CYS B 25 5.22 -3.42 -16.93
CA CYS B 25 4.74 -3.08 -18.27
C CYS B 25 5.26 -4.07 -19.29
N PHE B 26 4.46 -4.29 -20.34
CA PHE B 26 4.87 -5.12 -21.48
C PHE B 26 5.33 -4.19 -22.59
N MET B 27 6.61 -4.25 -22.91
CA MET B 27 7.23 -3.43 -23.95
C MET B 27 7.71 -4.34 -25.08
N ILE B 28 8.31 -3.73 -26.09
CA ILE B 28 8.83 -4.51 -27.22
C ILE B 28 10.06 -3.81 -27.77
N ARG B 29 11.06 -4.61 -28.15
CA ARG B 29 12.30 -4.07 -28.68
C ARG B 29 12.11 -3.64 -30.14
N SER B 30 12.61 -2.46 -30.48
CA SER B 30 12.37 -1.90 -31.80
C SER B 30 12.96 -2.76 -32.91
N ASP B 31 14.00 -3.53 -32.61
CA ASP B 31 14.59 -4.40 -33.62
C ASP B 31 13.69 -5.58 -33.95
N ALA B 32 12.69 -5.86 -33.11
CA ALA B 32 11.91 -7.08 -33.21
C ALA B 32 11.23 -7.22 -34.57
N ILE B 33 11.11 -8.47 -35.01
CA ILE B 33 10.39 -8.82 -36.22
C ILE B 33 9.06 -9.42 -35.80
N LEU B 34 8.04 -9.21 -36.62
CA LEU B 34 6.74 -9.77 -36.28
C LEU B 34 6.64 -11.12 -36.96
N ASP B 35 6.82 -12.17 -36.17
CA ASP B 35 6.65 -13.56 -36.58
C ASP B 35 5.56 -14.15 -35.70
N PHE B 36 5.25 -15.43 -35.88
CA PHE B 36 4.11 -15.99 -35.15
C PHE B 36 4.34 -15.90 -33.65
N ASN B 37 5.59 -16.06 -33.21
CA ASN B 37 5.89 -15.99 -31.79
C ASN B 37 5.70 -14.58 -31.25
N THR B 38 6.30 -13.59 -31.91
CA THR B 38 6.18 -12.20 -31.46
C THR B 38 4.73 -11.73 -31.56
N MET B 39 4.08 -12.03 -32.67
CA MET B 39 2.68 -11.66 -32.86
C MET B 39 1.79 -12.26 -31.78
N SER B 40 1.84 -13.59 -31.64
CA SER B 40 1.07 -14.29 -30.62
C SER B 40 1.32 -13.69 -29.24
N GLU B 41 2.58 -13.40 -28.93
CA GLU B 41 2.91 -12.79 -27.64
C GLU B 41 2.20 -11.44 -27.49
N ILE B 42 2.23 -10.62 -28.53
CA ILE B 42 1.61 -9.30 -28.46
C ILE B 42 0.11 -9.41 -28.20
N MET B 43 -0.58 -10.31 -28.93
CA MET B 43 -1.99 -10.56 -28.65
C MET B 43 -2.21 -10.99 -27.20
N GLU B 44 -1.52 -12.07 -26.80
CA GLU B 44 -1.72 -12.65 -25.49
C GLU B 44 -1.46 -11.65 -24.37
N SER B 45 -0.63 -10.64 -24.65
CA SER B 45 -0.37 -9.62 -23.64
C SER B 45 -1.65 -8.91 -23.24
N GLY B 46 -2.52 -8.61 -24.21
CA GLY B 46 -3.76 -7.92 -23.95
C GLY B 46 -3.70 -6.42 -24.05
N TYR B 47 -2.51 -5.83 -23.94
CA TYR B 47 -2.37 -4.38 -24.01
C TYR B 47 -2.73 -3.88 -25.40
N THR B 48 -3.51 -2.79 -25.44
CA THR B 48 -3.86 -2.16 -26.72
C THR B 48 -2.77 -1.23 -27.24
N ARG B 49 -1.93 -0.68 -26.36
CA ARG B 49 -0.82 0.18 -26.75
C ARG B 49 0.46 -0.36 -26.11
N ILE B 50 1.43 -0.68 -26.94
CA ILE B 50 2.69 -1.32 -26.51
C ILE B 50 3.83 -0.38 -26.78
N PRO B 51 4.63 -0.01 -25.78
CA PRO B 51 5.81 0.84 -26.03
C PRO B 51 6.88 0.14 -26.84
N VAL B 52 7.49 0.87 -27.76
CA VAL B 52 8.59 0.38 -28.60
C VAL B 52 9.83 1.18 -28.25
N PHE B 53 10.88 0.48 -27.81
CA PHE B 53 12.08 1.09 -27.26
C PHE B 53 13.32 0.58 -28.00
N GLU B 54 14.31 1.46 -28.12
CA GLU B 54 15.59 1.14 -28.76
C GLU B 54 16.64 0.84 -27.70
N ASP B 55 17.41 -0.22 -27.90
CA ASP B 55 18.51 -0.58 -27.00
C ASP B 55 18.02 -0.71 -25.56
N GLU B 56 18.50 0.16 -24.68
CA GLU B 56 18.09 0.11 -23.28
C GLU B 56 16.58 0.30 -23.14
N GLN B 57 15.99 -0.41 -22.18
CA GLN B 57 14.54 -0.38 -21.98
C GLN B 57 14.05 1.02 -21.65
N SER B 58 14.90 1.85 -21.04
CA SER B 58 14.47 3.17 -20.59
C SER B 58 14.39 4.20 -21.71
N ASN B 59 14.84 3.87 -22.93
CA ASN B 59 14.76 4.81 -24.05
C ASN B 59 13.65 4.32 -24.99
N ILE B 60 12.54 5.04 -25.00
CA ILE B 60 11.33 4.61 -25.72
C ILE B 60 11.18 5.51 -26.95
N VAL B 61 11.37 4.91 -28.12
CA VAL B 61 11.32 5.67 -29.36
C VAL B 61 9.89 5.82 -29.88
N ASP B 62 9.20 4.71 -30.13
CA ASP B 62 7.90 4.76 -30.75
C ASP B 62 6.85 4.08 -29.88
N ILE B 63 5.60 4.12 -30.33
CA ILE B 63 4.49 3.45 -29.69
C ILE B 63 3.76 2.63 -30.74
N LEU B 64 3.36 1.42 -30.37
CA LEU B 64 2.74 0.47 -31.28
C LEU B 64 1.27 0.32 -30.88
N TYR B 65 0.36 0.59 -31.80
CA TYR B 65 -1.04 0.27 -31.60
C TYR B 65 -1.34 -1.10 -32.19
N VAL B 66 -1.91 -1.98 -31.39
CA VAL B 66 -1.98 -3.39 -31.74
C VAL B 66 -2.98 -3.63 -32.86
N LYS B 67 -4.00 -2.78 -33.00
CA LYS B 67 -4.89 -2.84 -34.15
C LYS B 67 -4.14 -2.75 -35.47
N ASP B 68 -2.95 -2.14 -35.46
CA ASP B 68 -2.14 -2.00 -36.68
C ASP B 68 -1.52 -3.31 -37.12
N LEU B 69 -1.55 -4.35 -36.29
CA LEU B 69 -0.98 -5.64 -36.65
C LEU B 69 -1.99 -6.54 -37.35
N ALA B 70 -3.16 -5.98 -37.68
CA ALA B 70 -4.26 -6.76 -38.23
C ALA B 70 -3.86 -7.48 -39.51
N PHE B 71 -3.33 -6.76 -40.49
CA PHE B 71 -3.02 -7.37 -41.77
C PHE B 71 -1.63 -8.00 -41.83
N VAL B 72 -0.83 -7.86 -40.77
CA VAL B 72 0.51 -8.43 -40.79
C VAL B 72 0.43 -9.95 -40.78
N ASP B 73 1.10 -10.56 -41.72
CA ASP B 73 1.22 -12.01 -41.76
C ASP B 73 2.53 -12.43 -41.12
N PRO B 74 2.53 -13.34 -40.15
CA PRO B 74 3.80 -13.80 -39.55
C PRO B 74 4.68 -14.55 -40.53
N ASP B 75 4.16 -14.99 -41.68
CA ASP B 75 4.99 -15.66 -42.67
C ASP B 75 5.88 -14.67 -43.42
N ASP B 76 5.41 -13.45 -43.61
CA ASP B 76 6.24 -12.41 -44.23
C ASP B 76 7.33 -11.91 -43.30
N CYS B 77 7.15 -12.09 -41.99
CA CYS B 77 8.16 -11.72 -40.99
C CYS B 77 8.67 -10.30 -41.18
N THR B 78 7.77 -9.39 -41.55
CA THR B 78 8.12 -7.98 -41.66
C THR B 78 8.49 -7.43 -40.28
N PRO B 79 9.61 -6.71 -40.17
CA PRO B 79 10.03 -6.20 -38.86
C PRO B 79 9.14 -5.08 -38.38
N LEU B 80 8.89 -5.06 -37.07
CA LEU B 80 8.16 -3.96 -36.44
C LEU B 80 8.80 -2.61 -36.75
N LYS B 81 10.12 -2.62 -37.00
CA LYS B 81 10.85 -1.42 -37.40
C LYS B 81 10.18 -0.69 -38.55
N THR B 82 9.67 -1.43 -39.54
CA THR B 82 8.89 -0.82 -40.61
C THR B 82 7.74 0.00 -40.03
N ILE B 83 6.98 -0.61 -39.11
CA ILE B 83 5.78 0.02 -38.59
C ILE B 83 6.11 1.28 -37.78
N THR B 84 7.00 1.13 -36.80
CA THR B 84 7.33 2.27 -35.94
C THR B 84 8.03 3.38 -36.72
N ARG B 85 8.96 3.02 -37.61
CA ARG B 85 9.58 4.04 -38.46
C ARG B 85 8.56 4.72 -39.35
N PHE B 86 7.49 4.02 -39.72
CA PHE B 86 6.36 4.67 -40.38
C PHE B 86 5.73 5.74 -39.48
N TYR B 87 5.12 5.32 -38.37
CA TYR B 87 4.32 6.25 -37.56
C TYR B 87 5.14 7.41 -37.03
N ASN B 88 6.05 7.14 -36.10
CA ASN B 88 6.70 8.18 -35.30
C ASN B 88 5.66 9.01 -34.55
N HIS B 89 4.79 8.30 -33.83
CA HIS B 89 3.85 8.96 -32.94
C HIS B 89 4.62 9.87 -31.98
N PRO B 90 4.11 11.06 -31.68
CA PRO B 90 4.75 11.86 -30.63
C PRO B 90 4.77 11.09 -29.33
N VAL B 91 5.95 11.01 -28.72
CA VAL B 91 6.08 10.34 -27.43
C VAL B 91 5.72 11.35 -26.35
N HIS B 92 5.00 10.88 -25.33
CA HIS B 92 4.48 11.75 -24.30
C HIS B 92 5.28 11.51 -23.03
N PHE B 93 5.91 12.58 -22.52
CA PHE B 93 6.76 12.53 -21.34
C PHE B 93 6.19 13.45 -20.26
N VAL B 94 6.40 13.07 -19.01
CA VAL B 94 5.83 13.81 -17.89
C VAL B 94 6.77 13.70 -16.69
N PHE B 95 6.83 14.78 -15.92
CA PHE B 95 7.57 14.79 -14.66
C PHE B 95 6.90 13.88 -13.65
N HIS B 96 7.71 13.23 -12.81
CA HIS B 96 7.16 12.30 -11.83
C HIS B 96 6.37 12.99 -10.73
N ASP B 97 6.54 14.31 -10.57
CA ASP B 97 5.84 15.07 -9.55
C ASP B 97 4.55 15.71 -10.05
N THR B 98 4.18 15.47 -11.30
CA THR B 98 3.06 16.19 -11.90
C THR B 98 1.73 15.75 -11.28
N LYS B 99 0.90 16.74 -10.96
CA LYS B 99 -0.42 16.47 -10.39
C LYS B 99 -1.39 16.05 -11.49
N LEU B 100 -2.46 15.36 -11.07
CA LEU B 100 -3.35 14.72 -12.04
C LEU B 100 -4.16 15.74 -12.82
N ASP B 101 -4.48 16.87 -12.21
CA ASP B 101 -5.28 17.88 -12.91
C ASP B 101 -4.52 18.42 -14.12
N ALA B 102 -3.25 18.78 -13.93
CA ALA B 102 -2.43 19.21 -15.06
C ALA B 102 -2.32 18.12 -16.11
N MET B 103 -2.16 16.86 -15.68
CA MET B 103 -2.18 15.73 -16.60
C MET B 103 -3.44 15.77 -17.46
N LEU B 104 -4.59 15.88 -16.81
CA LEU B 104 -5.88 15.95 -17.48
C LEU B 104 -5.93 17.12 -18.46
N GLU B 105 -5.22 18.20 -18.15
CA GLU B 105 -5.09 19.29 -19.11
C GLU B 105 -4.34 18.83 -20.35
N GLU B 106 -3.19 18.18 -20.15
CA GLU B 106 -2.42 17.67 -21.29
C GLU B 106 -3.26 16.72 -22.15
N PHE B 107 -4.09 15.90 -21.50
CA PHE B 107 -4.93 14.98 -22.25
C PHE B 107 -6.07 15.70 -22.95
N LYS B 108 -6.60 16.76 -22.35
CA LYS B 108 -7.67 17.53 -22.98
C LYS B 108 -7.17 18.24 -24.23
N LYS B 109 -5.92 18.71 -24.19
CA LYS B 109 -5.32 19.41 -25.33
C LYS B 109 -5.02 18.49 -26.50
N GLY B 110 -5.25 17.19 -26.36
CA GLY B 110 -5.11 16.25 -27.46
C GLY B 110 -3.86 15.40 -27.45
N LYS B 111 -3.11 15.37 -26.35
CA LYS B 111 -1.91 14.56 -26.30
C LYS B 111 -2.27 13.08 -26.20
N SER B 112 -1.30 12.23 -26.57
CA SER B 112 -1.51 10.79 -26.55
C SER B 112 -1.95 10.33 -25.16
N HIS B 113 -2.99 9.49 -25.14
CA HIS B 113 -3.56 9.02 -23.88
C HIS B 113 -2.58 8.20 -23.05
N LEU B 114 -1.45 7.79 -23.63
CA LEU B 114 -0.41 7.06 -22.91
C LEU B 114 0.78 8.00 -22.68
N ALA B 115 1.31 7.98 -21.46
CA ALA B 115 2.35 8.91 -21.05
C ALA B 115 3.43 8.19 -20.25
N ILE B 116 4.66 8.67 -20.37
CA ILE B 116 5.85 8.03 -19.83
C ILE B 116 6.42 8.91 -18.72
N VAL B 117 6.72 8.29 -17.58
CA VAL B 117 7.08 9.00 -16.35
C VAL B 117 8.61 9.10 -16.27
N GLN B 118 9.11 10.33 -16.15
CA GLN B 118 10.54 10.61 -16.09
C GLN B 118 10.87 11.34 -14.80
N LYS B 119 12.02 10.99 -14.21
CA LYS B 119 12.52 11.64 -13.00
C LYS B 119 13.98 12.02 -13.22
N VAL B 120 14.35 13.19 -12.71
CA VAL B 120 15.75 13.63 -12.77
C VAL B 120 16.54 12.83 -11.74
N ASN B 121 17.58 12.13 -12.21
CA ASN B 121 18.37 11.24 -11.37
C ASN B 121 19.72 11.90 -11.10
N ASN B 122 19.95 12.29 -9.85
CA ASN B 122 21.20 12.92 -9.46
C ASN B 122 22.26 11.90 -9.02
N GLU B 123 21.91 10.62 -8.95
CA GLU B 123 22.80 9.62 -8.39
C GLU B 123 23.79 9.09 -9.42
N ASP B 127 26.79 14.24 -14.21
CA ASP B 127 25.65 15.16 -14.32
C ASP B 127 24.33 14.40 -14.22
N PRO B 128 23.29 15.08 -13.73
CA PRO B 128 21.98 14.43 -13.59
C PRO B 128 21.39 14.05 -14.94
N PHE B 129 20.78 12.87 -14.97
CA PHE B 129 20.16 12.33 -16.18
C PHE B 129 18.71 11.97 -15.90
N TYR B 130 17.94 11.79 -16.97
CA TYR B 130 16.51 11.50 -16.89
C TYR B 130 16.27 10.01 -17.01
N GLU B 131 15.66 9.41 -15.99
CA GLU B 131 15.38 7.99 -15.90
C GLU B 131 13.88 7.76 -16.04
N VAL B 132 13.53 6.62 -16.64
CA VAL B 132 12.14 6.28 -16.93
C VAL B 132 11.65 5.29 -15.90
N LEU B 133 10.73 5.73 -15.05
CA LEU B 133 10.19 4.88 -13.99
C LEU B 133 9.05 3.98 -14.43
N GLY B 134 8.38 4.28 -15.53
CA GLY B 134 7.24 3.49 -15.93
C GLY B 134 6.22 4.35 -16.64
N LEU B 135 4.99 3.82 -16.75
CA LEU B 135 3.97 4.38 -17.62
C LEU B 135 2.67 4.65 -16.87
N VAL B 136 2.04 5.78 -17.20
CA VAL B 136 0.71 6.14 -16.70
C VAL B 136 -0.15 6.60 -17.88
N THR B 137 -1.45 6.29 -17.82
CA THR B 137 -2.36 6.60 -18.92
C THR B 137 -3.63 7.24 -18.37
N LEU B 138 -4.36 7.89 -19.29
CA LEU B 138 -5.61 8.56 -18.92
C LEU B 138 -6.56 7.64 -18.18
N GLU B 139 -6.59 6.36 -18.56
CA GLU B 139 -7.46 5.39 -17.91
C GLU B 139 -7.11 5.24 -16.44
N ASP B 140 -5.81 5.25 -16.13
CA ASP B 140 -5.37 5.23 -14.74
C ASP B 140 -5.80 6.50 -14.00
N VAL B 141 -5.78 7.66 -14.68
CA VAL B 141 -6.19 8.91 -14.05
C VAL B 141 -7.66 8.85 -13.65
N ILE B 142 -8.54 8.59 -14.63
CA ILE B 142 -9.96 8.51 -14.35
C ILE B 142 -10.25 7.43 -13.31
N GLU B 143 -9.56 6.29 -13.41
CA GLU B 143 -9.67 5.26 -12.38
C GLU B 143 -9.43 5.83 -10.99
N GLU B 144 -8.36 6.62 -10.85
CA GLU B 144 -8.10 7.27 -9.56
C GLU B 144 -9.26 8.18 -9.16
N ILE B 145 -9.84 8.90 -10.12
CA ILE B 145 -10.99 9.74 -9.81
C ILE B 145 -12.10 8.91 -9.17
N ILE B 146 -12.65 7.95 -9.93
CA ILE B 146 -13.82 7.23 -9.46
C ILE B 146 -13.51 6.36 -8.24
N LYS B 147 -12.25 5.99 -8.03
CA LYS B 147 -11.90 5.23 -6.84
C LYS B 147 -11.83 6.11 -5.60
N SER B 148 -11.12 7.23 -5.70
CA SER B 148 -10.79 8.00 -4.50
C SER B 148 -11.97 8.79 -3.96
N GLU B 149 -12.94 9.15 -4.81
CA GLU B 149 -14.08 9.93 -4.34
C GLU B 149 -15.03 9.08 -3.51
N ILE B 150 -15.06 7.77 -3.73
CA ILE B 150 -15.90 6.88 -2.97
C ILE B 150 -15.18 6.40 -1.70
N ASN C 2 -2.50 21.54 3.61
CA ASN C 2 -1.47 20.53 3.87
C ASN C 2 -1.64 19.92 5.26
N MET C 3 -1.41 20.74 6.30
CA MET C 3 -1.74 20.33 7.67
C MET C 3 -3.17 19.86 7.77
N ILE C 4 -4.08 20.48 7.04
CA ILE C 4 -5.49 20.07 7.02
C ILE C 4 -5.62 18.66 6.46
N GLN C 5 -4.98 18.42 5.31
CA GLN C 5 -5.06 17.12 4.65
C GLN C 5 -4.52 16.02 5.56
N GLY C 6 -3.34 16.23 6.13
CA GLY C 6 -2.76 15.22 7.00
C GLY C 6 -3.59 14.99 8.24
N ALA C 7 -3.99 16.08 8.92
CA ALA C 7 -4.80 15.95 10.11
C ALA C 7 -6.08 15.17 9.84
N LEU C 8 -6.77 15.49 8.74
CA LEU C 8 -8.05 14.83 8.47
C LEU C 8 -7.87 13.39 8.01
N GLU C 9 -6.79 13.08 7.28
CA GLU C 9 -6.55 11.68 6.90
C GLU C 9 -6.17 10.84 8.11
N LEU C 10 -5.39 11.40 9.03
CA LEU C 10 -5.16 10.75 10.31
C LEU C 10 -6.48 10.48 11.02
N ARG C 11 -7.34 11.50 11.12
CA ARG C 11 -8.64 11.32 11.73
C ARG C 11 -9.49 10.29 10.99
N THR C 12 -9.25 10.09 9.70
CA THR C 12 -10.06 9.15 8.92
C THR C 12 -9.58 7.70 9.04
N LYS C 13 -8.33 7.46 9.40
CA LYS C 13 -7.81 6.09 9.45
C LYS C 13 -8.40 5.35 10.65
N THR C 14 -8.43 4.02 10.53
CA THR C 14 -8.93 3.18 11.61
C THR C 14 -7.82 2.28 12.13
N VAL C 15 -8.13 1.52 13.19
CA VAL C 15 -7.15 0.62 13.76
C VAL C 15 -6.88 -0.56 12.83
N GLU C 16 -7.82 -0.84 11.93
CA GLU C 16 -7.61 -1.86 10.91
C GLU C 16 -6.50 -1.46 9.94
N ASP C 17 -6.49 -0.19 9.52
CA ASP C 17 -5.46 0.31 8.61
C ASP C 17 -4.10 0.47 9.28
N ILE C 18 -4.05 0.44 10.60
CA ILE C 18 -2.84 0.69 11.37
C ILE C 18 -2.18 -0.62 11.81
N MET C 19 -2.95 -1.47 12.50
CA MET C 19 -2.44 -2.56 13.32
C MET C 19 -1.47 -3.45 12.55
N THR C 20 -0.53 -4.02 13.30
CA THR C 20 0.21 -5.18 12.83
C THR C 20 -0.74 -6.37 12.70
N GLN C 21 -0.71 -7.03 11.54
CA GLN C 21 -1.63 -8.13 11.29
C GLN C 21 -1.35 -9.31 12.21
N LEU C 22 -2.40 -10.08 12.49
CA LEU C 22 -2.30 -11.21 13.42
C LEU C 22 -1.26 -12.22 12.97
N GLN C 23 -1.16 -12.45 11.65
CA GLN C 23 -0.27 -13.48 11.15
C GLN C 23 1.19 -13.08 11.28
N ASP C 24 1.49 -11.78 11.26
CA ASP C 24 2.85 -11.30 11.47
C ASP C 24 3.15 -11.02 12.95
N CYS C 25 2.23 -11.32 13.85
CA CYS C 25 2.42 -11.12 15.28
C CYS C 25 2.94 -12.39 15.94
N PHE C 26 3.85 -12.23 16.88
CA PHE C 26 4.40 -13.34 17.65
C PHE C 26 3.56 -13.54 18.91
N MET C 27 2.91 -14.68 19.00
CA MET C 27 2.08 -15.04 20.13
C MET C 27 2.69 -16.25 20.83
N ILE C 28 2.05 -16.69 21.91
CA ILE C 28 2.53 -17.87 22.62
C ILE C 28 1.33 -18.62 23.19
N ARG C 29 1.37 -19.95 23.09
CA ARG C 29 0.28 -20.78 23.55
C ARG C 29 0.30 -20.88 25.07
N SER C 30 -0.89 -20.77 25.68
CA SER C 30 -0.96 -20.74 27.14
C SER C 30 -0.46 -22.03 27.77
N ASP C 31 -0.55 -23.15 27.05
CA ASP C 31 -0.06 -24.41 27.61
C ASP C 31 1.45 -24.47 27.66
N ALA C 32 2.13 -23.54 26.99
CA ALA C 32 3.59 -23.59 26.87
C ALA C 32 4.26 -23.56 28.24
N ILE C 33 5.42 -24.19 28.33
CA ILE C 33 6.25 -24.14 29.51
C ILE C 33 7.54 -23.43 29.14
N LEU C 34 8.18 -22.84 30.13
CA LEU C 34 9.35 -22.01 29.87
C LEU C 34 10.57 -22.89 30.10
N ASP C 35 11.17 -23.34 29.00
CA ASP C 35 12.40 -24.10 28.93
C ASP C 35 13.36 -23.30 28.06
N PHE C 36 14.55 -23.84 27.80
CA PHE C 36 15.53 -23.05 27.09
C PHE C 36 15.03 -22.70 25.68
N ASN C 37 14.29 -23.62 25.05
CA ASN C 37 13.77 -23.36 23.72
C ASN C 37 12.74 -22.24 23.73
N THR C 38 11.74 -22.34 24.60
CA THR C 38 10.69 -21.32 24.66
C THR C 38 11.27 -19.99 25.11
N MET C 39 12.09 -20.01 26.17
CA MET C 39 12.71 -18.79 26.67
C MET C 39 13.54 -18.11 25.60
N SER C 40 14.51 -18.84 25.04
CA SER C 40 15.36 -18.32 23.97
C SER C 40 14.54 -17.76 22.83
N GLU C 41 13.46 -18.46 22.46
CA GLU C 41 12.61 -17.97 21.38
C GLU C 41 11.99 -16.63 21.74
N ILE C 42 11.46 -16.51 22.96
CA ILE C 42 10.83 -15.26 23.38
C ILE C 42 11.85 -14.12 23.39
N MET C 43 13.05 -14.37 23.88
CA MET C 43 14.09 -13.34 23.86
C MET C 43 14.44 -12.94 22.44
N GLU C 44 14.58 -13.92 21.54
CA GLU C 44 14.99 -13.60 20.17
C GLU C 44 13.88 -12.93 19.39
N SER C 45 12.63 -13.09 19.84
CA SER C 45 11.51 -12.45 19.15
C SER C 45 11.63 -10.93 19.20
N GLY C 46 12.13 -10.40 20.31
CA GLY C 46 12.31 -8.97 20.47
C GLY C 46 11.09 -8.21 20.95
N TYR C 47 9.91 -8.83 20.95
CA TYR C 47 8.70 -8.18 21.42
C TYR C 47 8.73 -8.03 22.94
N THR C 48 8.36 -6.84 23.41
CA THR C 48 8.30 -6.60 24.85
C THR C 48 7.01 -7.11 25.47
N ARG C 49 5.91 -7.12 24.71
CA ARG C 49 4.63 -7.65 25.17
C ARG C 49 4.20 -8.75 24.21
N ILE C 50 3.96 -9.94 24.74
CA ILE C 50 3.62 -11.11 23.94
C ILE C 50 2.22 -11.61 24.31
N PRO C 51 1.29 -11.66 23.37
CA PRO C 51 -0.04 -12.21 23.67
C PRO C 51 0.02 -13.70 24.02
N VAL C 52 -0.73 -14.08 25.05
CA VAL C 52 -0.86 -15.46 25.49
C VAL C 52 -2.31 -15.89 25.26
N PHE C 53 -2.48 -16.97 24.50
CA PHE C 53 -3.77 -17.39 23.96
C PHE C 53 -4.02 -18.86 24.26
N GLU C 54 -5.29 -19.19 24.47
CA GLU C 54 -5.73 -20.56 24.76
C GLU C 54 -6.30 -21.19 23.50
N ASP C 55 -5.93 -22.45 23.23
CA ASP C 55 -6.47 -23.20 22.11
C ASP C 55 -6.29 -22.46 20.79
N GLU C 56 -7.41 -22.07 20.17
CA GLU C 56 -7.35 -21.34 18.92
C GLU C 56 -6.59 -20.03 19.08
N GLN C 57 -5.85 -19.67 18.03
CA GLN C 57 -5.03 -18.46 18.06
C GLN C 57 -5.87 -17.21 18.29
N SER C 58 -7.14 -17.23 17.89
CA SER C 58 -7.99 -16.04 17.94
C SER C 58 -8.54 -15.75 19.34
N ASN C 59 -8.30 -16.62 20.33
CA ASN C 59 -8.79 -16.42 21.69
C ASN C 59 -7.60 -16.12 22.59
N ILE C 60 -7.52 -14.88 23.07
CA ILE C 60 -6.34 -14.36 23.77
C ILE C 60 -6.73 -14.12 25.22
N VAL C 61 -6.26 -14.98 26.11
CA VAL C 61 -6.68 -14.94 27.52
C VAL C 61 -5.80 -14.09 28.43
N ASP C 62 -4.57 -13.76 28.02
CA ASP C 62 -3.70 -13.01 28.92
C ASP C 62 -2.54 -12.43 28.13
N ILE C 63 -1.69 -11.66 28.82
CA ILE C 63 -0.58 -10.96 28.18
C ILE C 63 0.68 -11.19 29.02
N LEU C 64 1.78 -11.47 28.33
CA LEU C 64 3.06 -11.77 28.95
C LEU C 64 4.00 -10.59 28.74
N TYR C 65 4.49 -10.03 29.85
CA TYR C 65 5.55 -9.02 29.80
C TYR C 65 6.88 -9.74 30.01
N VAL C 66 7.76 -9.63 29.02
CA VAL C 66 8.97 -10.46 28.99
C VAL C 66 9.90 -10.17 30.17
N LYS C 67 9.84 -8.95 30.72
CA LYS C 67 10.64 -8.63 31.89
C LYS C 67 10.33 -9.54 33.07
N ASP C 68 9.14 -10.15 33.10
CA ASP C 68 8.76 -11.06 34.17
C ASP C 68 9.54 -12.36 34.12
N LEU C 69 10.16 -12.66 32.98
CA LEU C 69 10.90 -13.91 32.79
C LEU C 69 12.34 -13.81 33.28
N ALA C 70 12.70 -12.70 33.91
CA ALA C 70 14.07 -12.45 34.34
C ALA C 70 14.58 -13.53 35.30
N PHE C 71 13.80 -13.85 36.34
CA PHE C 71 14.25 -14.82 37.32
C PHE C 71 13.90 -16.24 36.95
N VAL C 72 13.18 -16.46 35.86
CA VAL C 72 12.77 -17.80 35.48
C VAL C 72 13.98 -18.60 34.99
N ASP C 73 14.19 -19.75 35.60
CA ASP C 73 15.23 -20.66 35.15
C ASP C 73 14.63 -21.65 34.18
N PRO C 74 15.17 -21.80 32.96
CA PRO C 74 14.67 -22.84 32.05
C PRO C 74 14.88 -24.26 32.56
N ASP C 75 15.72 -24.45 33.58
CA ASP C 75 15.91 -25.78 34.16
C ASP C 75 14.74 -26.19 35.05
N ASP C 76 14.07 -25.22 35.68
CA ASP C 76 12.88 -25.52 36.46
C ASP C 76 11.69 -25.86 35.59
N CYS C 77 11.68 -25.41 34.33
CA CYS C 77 10.61 -25.73 33.37
C CYS C 77 9.24 -25.40 33.94
N THR C 78 9.16 -24.29 34.66
CA THR C 78 7.88 -23.81 35.17
C THR C 78 7.01 -23.33 34.02
N PRO C 79 5.73 -23.73 33.99
CA PRO C 79 4.89 -23.39 32.83
C PRO C 79 4.46 -21.93 32.84
N LEU C 80 4.31 -21.38 31.62
CA LEU C 80 3.79 -20.03 31.44
C LEU C 80 2.44 -19.85 32.12
N LYS C 81 1.69 -20.96 32.29
CA LYS C 81 0.39 -20.90 32.94
C LYS C 81 0.48 -20.34 34.35
N THR C 82 1.58 -20.60 35.05
CA THR C 82 1.76 -20.05 36.40
C THR C 82 1.65 -18.53 36.39
N ILE C 83 2.48 -17.88 35.56
CA ILE C 83 2.55 -16.43 35.60
C ILE C 83 1.35 -15.79 34.91
N THR C 84 0.80 -16.42 33.87
CA THR C 84 -0.38 -15.84 33.23
C THR C 84 -1.60 -15.96 34.13
N ARG C 85 -1.78 -17.10 34.79
CA ARG C 85 -2.85 -17.24 35.77
C ARG C 85 -2.62 -16.38 37.01
N PHE C 86 -1.36 -16.00 37.28
CA PHE C 86 -1.10 -15.04 38.33
C PHE C 86 -1.56 -13.64 37.93
N TYR C 87 -1.07 -13.15 36.79
CA TYR C 87 -1.35 -11.80 36.31
C TYR C 87 -2.84 -11.55 36.07
N ASN C 88 -3.39 -12.21 35.05
CA ASN C 88 -4.72 -11.92 34.55
C ASN C 88 -4.88 -10.42 34.29
N HIS C 89 -3.93 -9.88 33.53
CA HIS C 89 -4.02 -8.50 33.11
C HIS C 89 -5.33 -8.29 32.34
N PRO C 90 -5.99 -7.15 32.51
CA PRO C 90 -7.17 -6.87 31.68
C PRO C 90 -6.80 -6.91 30.21
N VAL C 91 -7.53 -7.70 29.44
CA VAL C 91 -7.33 -7.76 28.01
C VAL C 91 -8.07 -6.59 27.37
N HIS C 92 -7.40 -5.91 26.43
CA HIS C 92 -7.95 -4.72 25.81
C HIS C 92 -8.46 -5.09 24.42
N PHE C 93 -9.73 -4.78 24.17
CA PHE C 93 -10.39 -5.10 22.91
C PHE C 93 -10.92 -3.83 22.27
N VAL C 94 -10.97 -3.82 20.94
CA VAL C 94 -11.37 -2.63 20.21
C VAL C 94 -12.05 -3.06 18.91
N PHE C 95 -13.06 -2.28 18.51
CA PHE C 95 -13.72 -2.46 17.23
C PHE C 95 -12.77 -2.10 16.10
N HIS C 96 -12.93 -2.78 14.96
CA HIS C 96 -12.01 -2.55 13.85
C HIS C 96 -12.22 -1.18 13.21
N ASP C 97 -13.37 -0.55 13.41
CA ASP C 97 -13.68 0.75 12.82
C ASP C 97 -13.32 1.93 13.71
N THR C 98 -12.72 1.69 14.86
CA THR C 98 -12.50 2.75 15.84
C THR C 98 -11.44 3.73 15.35
N LYS C 99 -11.74 5.02 15.49
CA LYS C 99 -10.82 6.07 15.09
C LYS C 99 -9.74 6.26 16.15
N LEU C 100 -8.60 6.79 15.71
CA LEU C 100 -7.41 6.82 16.57
C LEU C 100 -7.59 7.77 17.75
N ASP C 101 -8.33 8.86 17.55
CA ASP C 101 -8.51 9.81 18.65
C ASP C 101 -9.24 9.15 19.82
N ALA C 102 -10.28 8.37 19.54
CA ALA C 102 -10.96 7.63 20.60
C ALA C 102 -10.04 6.59 21.22
N MET C 103 -9.22 5.93 20.39
CA MET C 103 -8.21 5.02 20.92
C MET C 103 -7.32 5.74 21.92
N LEU C 104 -6.82 6.92 21.56
CA LEU C 104 -6.02 7.78 22.41
C LEU C 104 -6.75 8.12 23.70
N GLU C 105 -8.07 8.26 23.61
CA GLU C 105 -8.86 8.40 24.83
C GLU C 105 -8.71 7.17 25.72
N GLU C 106 -8.95 5.98 25.15
CA GLU C 106 -8.83 4.74 25.93
C GLU C 106 -7.44 4.62 26.56
N PHE C 107 -6.40 5.02 25.84
CA PHE C 107 -5.05 4.92 26.39
C PHE C 107 -4.81 5.97 27.46
N LYS C 108 -5.40 7.16 27.30
CA LYS C 108 -5.23 8.20 28.31
C LYS C 108 -5.88 7.81 29.63
N LYS C 109 -7.00 7.11 29.57
CA LYS C 109 -7.74 6.70 30.76
C LYS C 109 -7.03 5.60 31.56
N GLY C 110 -5.91 5.09 31.08
CA GLY C 110 -5.13 4.11 31.80
C GLY C 110 -5.22 2.68 31.29
N LYS C 111 -5.84 2.44 30.14
CA LYS C 111 -5.92 1.09 29.62
C LYS C 111 -4.55 0.64 29.13
N SER C 112 -4.39 -0.69 29.05
CA SER C 112 -3.12 -1.26 28.61
C SER C 112 -2.75 -0.72 27.24
N HIS C 113 -1.46 -0.41 27.06
CA HIS C 113 -0.98 0.16 25.81
C HIS C 113 -1.10 -0.80 24.63
N LEU C 114 -1.42 -2.06 24.86
CA LEU C 114 -1.59 -3.06 23.82
C LEU C 114 -3.07 -3.40 23.68
N ALA C 115 -3.56 -3.40 22.44
CA ALA C 115 -4.99 -3.55 22.15
C ALA C 115 -5.19 -4.53 21.01
N ILE C 116 -6.27 -5.31 21.10
CA ILE C 116 -6.55 -6.40 20.16
C ILE C 116 -7.76 -6.01 19.31
N VAL C 117 -7.65 -6.22 18.00
CA VAL C 117 -8.62 -5.71 17.04
C VAL C 117 -9.66 -6.80 16.76
N GLN C 118 -10.94 -6.44 16.88
CA GLN C 118 -12.05 -7.36 16.70
C GLN C 118 -13.02 -6.82 15.67
N LYS C 119 -13.59 -7.72 14.86
CA LYS C 119 -14.58 -7.36 13.85
C LYS C 119 -15.74 -8.35 13.92
N VAL C 120 -16.96 -7.85 13.71
CA VAL C 120 -18.13 -8.70 13.68
C VAL C 120 -18.15 -9.46 12.36
N ASN C 121 -18.17 -10.79 12.43
CA ASN C 121 -18.09 -11.63 11.24
C ASN C 121 -19.46 -12.24 11.01
N ASN C 122 -20.13 -11.79 9.95
CA ASN C 122 -21.46 -12.29 9.60
C ASN C 122 -21.43 -13.50 8.69
N GLU C 123 -20.24 -13.92 8.25
CA GLU C 123 -20.13 -14.97 7.24
C GLU C 123 -20.15 -16.36 7.87
N ASP C 127 -24.95 -17.40 13.27
CA ASP C 127 -24.97 -16.11 13.95
C ASP C 127 -23.62 -15.41 13.83
N PRO C 128 -23.64 -14.07 13.77
CA PRO C 128 -22.38 -13.32 13.68
C PRO C 128 -21.54 -13.48 14.94
N PHE C 129 -20.24 -13.66 14.73
CA PHE C 129 -19.28 -13.89 15.79
C PHE C 129 -18.14 -12.87 15.70
N TYR C 130 -17.37 -12.78 16.78
CA TYR C 130 -16.28 -11.82 16.87
C TYR C 130 -14.96 -12.48 16.50
N GLU C 131 -14.30 -11.93 15.48
CA GLU C 131 -13.06 -12.45 14.93
C GLU C 131 -11.92 -11.50 15.27
N VAL C 132 -10.72 -12.05 15.47
CA VAL C 132 -9.55 -11.26 15.83
C VAL C 132 -8.70 -11.06 14.58
N LEU C 133 -8.68 -9.82 14.08
CA LEU C 133 -7.97 -9.51 12.86
C LEU C 133 -6.48 -9.34 13.09
N GLY C 134 -6.10 -8.69 14.19
CA GLY C 134 -4.71 -8.35 14.44
C GLY C 134 -4.57 -7.55 15.72
N LEU C 135 -3.43 -6.88 15.85
CA LEU C 135 -3.01 -6.27 17.10
C LEU C 135 -2.46 -4.87 16.84
N VAL C 136 -2.90 -3.89 17.63
CA VAL C 136 -2.48 -2.51 17.48
C VAL C 136 -2.10 -1.97 18.86
N THR C 137 -1.08 -1.11 18.88
CA THR C 137 -0.50 -0.65 20.13
C THR C 137 -0.44 0.87 20.15
N LEU C 138 -0.38 1.43 21.36
CA LEU C 138 -0.24 2.87 21.52
C LEU C 138 0.93 3.40 20.70
N GLU C 139 2.03 2.65 20.68
CA GLU C 139 3.21 3.03 19.91
C GLU C 139 2.86 3.16 18.42
N ASP C 140 2.04 2.25 17.91
CA ASP C 140 1.58 2.34 16.53
C ASP C 140 0.74 3.59 16.31
N VAL C 141 -0.10 3.94 17.29
CA VAL C 141 -0.95 5.12 17.17
C VAL C 141 -0.09 6.38 17.05
N ILE C 142 0.83 6.55 18.01
CA ILE C 142 1.71 7.72 17.97
C ILE C 142 2.52 7.73 16.67
N GLU C 143 3.05 6.57 16.28
CA GLU C 143 3.76 6.47 15.01
C GLU C 143 2.90 7.02 13.87
N GLU C 144 1.60 6.74 13.89
CA GLU C 144 0.71 7.36 12.91
C GLU C 144 0.66 8.86 13.08
N ILE C 145 0.74 9.36 14.32
CA ILE C 145 0.67 10.80 14.54
C ILE C 145 1.89 11.50 13.95
N ILE C 146 3.09 11.02 14.30
CA ILE C 146 4.31 11.71 13.89
C ILE C 146 4.57 11.58 12.40
N LYS C 147 3.91 10.64 11.71
CA LYS C 147 4.16 10.46 10.29
C LYS C 147 3.36 11.41 9.41
N SER C 148 2.50 12.25 9.99
CA SER C 148 1.75 13.22 9.20
C SER C 148 1.85 14.61 9.80
N ASN D 2 -8.07 14.91 19.82
CA ASN D 2 -7.00 14.58 20.75
C ASN D 2 -5.71 14.29 19.99
N MET D 3 -5.86 13.78 18.77
CA MET D 3 -4.74 13.50 17.89
C MET D 3 -3.84 14.72 17.74
N ILE D 4 -4.39 15.81 17.18
CA ILE D 4 -3.60 17.00 16.94
C ILE D 4 -3.09 17.60 18.25
N GLN D 5 -3.84 17.44 19.34
CA GLN D 5 -3.36 17.84 20.65
C GLN D 5 -2.04 17.15 20.96
N GLY D 6 -2.02 15.82 20.87
CA GLY D 6 -0.81 15.06 21.09
C GLY D 6 0.29 15.34 20.07
N ALA D 7 -0.07 15.71 18.84
CA ALA D 7 0.95 16.04 17.84
C ALA D 7 1.65 17.33 18.19
N LEU D 8 0.89 18.37 18.52
CA LEU D 8 1.49 19.65 18.90
C LEU D 8 2.32 19.50 20.15
N GLU D 9 1.74 18.91 21.21
CA GLU D 9 2.50 18.59 22.41
C GLU D 9 3.70 17.72 22.09
N LEU D 10 3.66 16.98 20.99
CA LEU D 10 4.79 16.14 20.60
C LEU D 10 5.89 16.94 19.91
N ARG D 11 5.55 18.02 19.21
CA ARG D 11 6.58 18.83 18.58
C ARG D 11 7.08 19.98 19.45
N THR D 12 6.39 20.34 20.52
CA THR D 12 6.90 21.40 21.40
C THR D 12 7.90 20.90 22.44
N LYS D 13 7.63 19.77 23.08
CA LYS D 13 8.41 19.38 24.25
C LYS D 13 9.81 18.93 23.87
N THR D 14 10.80 19.48 24.57
CA THR D 14 12.20 19.04 24.44
C THR D 14 12.45 17.89 25.40
N VAL D 15 13.31 16.96 24.97
CA VAL D 15 13.61 15.79 25.79
C VAL D 15 14.06 16.18 27.19
N GLU D 16 14.58 17.41 27.34
CA GLU D 16 14.97 17.92 28.65
C GLU D 16 13.76 18.09 29.57
N ASP D 17 12.65 18.58 29.02
CA ASP D 17 11.41 18.68 29.80
C ASP D 17 10.90 17.29 30.20
N ILE D 18 10.98 16.33 29.28
CA ILE D 18 10.46 14.99 29.53
C ILE D 18 11.37 14.19 30.46
N MET D 19 12.65 14.52 30.50
CA MET D 19 13.67 13.60 30.97
C MET D 19 13.55 13.32 32.48
N THR D 20 14.19 12.23 32.88
CA THR D 20 14.48 11.95 34.28
C THR D 20 15.89 12.45 34.59
N GLN D 21 16.03 13.24 35.64
CA GLN D 21 17.33 13.80 36.00
C GLN D 21 18.30 12.69 36.39
N LEU D 22 19.59 12.96 36.17
CA LEU D 22 20.62 11.95 36.36
C LEU D 22 20.72 11.51 37.82
N GLN D 23 20.74 12.47 38.74
CA GLN D 23 20.84 12.14 40.16
C GLN D 23 19.67 11.30 40.64
N ASP D 24 18.53 11.34 39.94
CA ASP D 24 17.37 10.54 40.29
C ASP D 24 17.30 9.24 39.53
N CYS D 25 18.21 8.99 38.60
CA CYS D 25 18.19 7.74 37.85
C CYS D 25 18.62 6.57 38.73
N PHE D 26 18.24 5.36 38.32
CA PHE D 26 18.78 4.14 38.89
C PHE D 26 19.74 3.55 37.86
N MET D 27 21.03 3.62 38.18
CA MET D 27 22.11 3.14 37.33
C MET D 27 22.78 1.96 38.02
N ILE D 28 23.80 1.41 37.37
CA ILE D 28 24.56 0.32 37.98
C ILE D 28 26.03 0.46 37.55
N ARG D 29 26.93 0.31 38.52
CA ARG D 29 28.35 0.31 38.21
C ARG D 29 28.70 -0.90 37.38
N SER D 30 29.62 -0.71 36.42
CA SER D 30 29.97 -1.78 35.49
C SER D 30 30.73 -2.91 36.16
N ASP D 31 31.29 -2.69 37.33
CA ASP D 31 32.02 -3.72 38.06
C ASP D 31 31.14 -4.48 39.04
N ALA D 32 29.85 -4.13 39.13
CA ALA D 32 28.95 -4.83 40.03
C ALA D 32 28.80 -6.28 39.62
N ILE D 33 28.57 -7.15 40.62
CA ILE D 33 28.37 -8.57 40.38
C ILE D 33 26.92 -8.90 40.73
N LEU D 34 26.44 -9.99 40.13
CA LEU D 34 25.02 -10.30 39.97
C LEU D 34 24.41 -11.11 41.12
N ASP D 35 24.99 -11.04 42.32
CA ASP D 35 24.48 -11.81 43.45
C ASP D 35 23.07 -11.35 43.84
N PHE D 36 22.51 -11.99 44.87
CA PHE D 36 21.07 -11.92 45.12
C PHE D 36 20.60 -10.50 45.43
N ASN D 37 21.37 -9.77 46.24
CA ASN D 37 21.06 -8.36 46.50
C ASN D 37 20.97 -7.57 45.20
N THR D 38 21.95 -7.74 44.33
CA THR D 38 22.01 -6.97 43.08
C THR D 38 20.80 -7.27 42.20
N MET D 39 20.54 -8.56 41.93
CA MET D 39 19.40 -8.92 41.08
C MET D 39 18.10 -8.46 41.70
N SER D 40 17.98 -8.57 43.03
CA SER D 40 16.76 -8.16 43.72
C SER D 40 16.53 -6.66 43.55
N GLU D 41 17.58 -5.86 43.72
CA GLU D 41 17.48 -4.43 43.48
C GLU D 41 17.06 -4.15 42.03
N ILE D 42 17.71 -4.82 41.08
CA ILE D 42 17.37 -4.62 39.66
C ILE D 42 15.89 -4.89 39.42
N MET D 43 15.38 -6.00 40.00
CA MET D 43 13.98 -6.34 39.79
C MET D 43 13.05 -5.32 40.42
N GLU D 44 13.30 -4.95 41.68
CA GLU D 44 12.43 -3.99 42.36
C GLU D 44 12.50 -2.59 41.75
N SER D 45 13.55 -2.29 40.98
CA SER D 45 13.62 -1.00 40.32
C SER D 45 12.49 -0.84 39.31
N GLY D 46 12.10 -1.94 38.66
CA GLY D 46 11.09 -1.89 37.63
C GLY D 46 11.57 -1.42 36.28
N TYR D 47 12.81 -0.96 36.17
CA TYR D 47 13.36 -0.54 34.90
C TYR D 47 13.64 -1.74 34.00
N THR D 48 13.25 -1.64 32.73
CA THR D 48 13.55 -2.70 31.77
C THR D 48 14.90 -2.53 31.07
N ARG D 49 15.47 -1.33 31.07
CA ARG D 49 16.78 -1.07 30.49
C ARG D 49 17.56 -0.14 31.42
N ILE D 50 18.67 -0.62 31.95
CA ILE D 50 19.42 0.05 33.02
C ILE D 50 20.75 0.55 32.46
N PRO D 51 21.08 1.83 32.64
CA PRO D 51 22.40 2.31 32.18
C PRO D 51 23.54 1.79 33.04
N VAL D 52 24.67 1.51 32.40
CA VAL D 52 25.85 0.95 33.07
C VAL D 52 26.99 1.95 32.93
N PHE D 53 27.59 2.35 34.05
CA PHE D 53 28.57 3.43 34.07
C PHE D 53 29.86 2.98 34.77
N GLU D 54 30.96 3.66 34.42
CA GLU D 54 32.28 3.46 35.00
C GLU D 54 32.72 4.72 35.71
N ASP D 55 33.43 4.57 36.83
CA ASP D 55 33.85 5.70 37.64
C ASP D 55 32.65 6.52 38.06
N GLU D 56 32.59 7.76 37.59
CA GLU D 56 31.49 8.66 37.93
C GLU D 56 30.24 8.30 37.13
N GLN D 57 29.09 8.61 37.74
CA GLN D 57 27.80 8.36 37.08
C GLN D 57 27.73 9.01 35.71
N SER D 58 28.41 10.14 35.54
CA SER D 58 28.30 10.92 34.32
C SER D 58 28.85 10.21 33.09
N ASN D 59 29.70 9.21 33.28
CA ASN D 59 30.28 8.47 32.18
C ASN D 59 29.50 7.16 32.07
N ILE D 60 28.60 7.09 31.08
CA ILE D 60 27.74 5.93 30.89
C ILE D 60 28.34 5.13 29.75
N VAL D 61 28.97 4.01 30.10
CA VAL D 61 29.69 3.19 29.13
C VAL D 61 28.80 2.18 28.39
N ASP D 62 27.80 1.60 29.04
CA ASP D 62 27.04 0.49 28.46
C ASP D 62 25.57 0.61 28.80
N ILE D 63 24.79 -0.37 28.34
CA ILE D 63 23.36 -0.49 28.62
C ILE D 63 23.05 -1.95 28.91
N LEU D 64 22.22 -2.19 29.93
CA LEU D 64 21.79 -3.53 30.31
C LEU D 64 20.30 -3.69 30.01
N TYR D 65 19.99 -4.52 29.01
CA TYR D 65 18.62 -4.97 28.82
C TYR D 65 18.34 -6.02 29.90
N VAL D 66 17.30 -5.77 30.71
CA VAL D 66 17.03 -6.66 31.84
C VAL D 66 16.57 -8.02 31.38
N LYS D 67 15.91 -8.12 30.21
CA LYS D 67 15.48 -9.44 29.73
C LYS D 67 16.67 -10.36 29.48
N ASP D 68 17.82 -9.78 29.10
CA ASP D 68 19.04 -10.57 28.96
C ASP D 68 19.31 -11.40 30.20
N LEU D 69 18.98 -10.85 31.37
CA LEU D 69 19.29 -11.46 32.66
C LEU D 69 18.52 -12.75 32.91
N ALA D 70 17.60 -13.11 32.01
CA ALA D 70 16.85 -14.36 32.16
C ALA D 70 17.79 -15.53 32.40
N PHE D 71 18.87 -15.62 31.63
CA PHE D 71 19.77 -16.76 31.64
C PHE D 71 20.87 -16.66 32.69
N VAL D 72 20.83 -15.64 33.53
CA VAL D 72 21.71 -15.51 34.67
C VAL D 72 21.04 -16.11 35.90
N ASP D 73 21.83 -16.83 36.70
CA ASP D 73 21.41 -17.27 38.02
C ASP D 73 22.25 -16.55 39.07
N PRO D 74 21.61 -15.84 40.02
CA PRO D 74 22.39 -15.05 40.99
C PRO D 74 23.34 -15.87 41.85
N ASP D 75 23.10 -17.16 42.03
CA ASP D 75 24.04 -17.99 42.77
C ASP D 75 25.36 -18.16 42.03
N ASP D 76 25.40 -17.87 40.73
CA ASP D 76 26.67 -17.90 40.01
C ASP D 76 27.61 -16.78 40.44
N CYS D 77 27.05 -15.67 40.91
CA CYS D 77 27.80 -14.43 41.15
C CYS D 77 28.58 -14.04 39.91
N THR D 78 27.83 -13.94 38.78
CA THR D 78 28.52 -13.60 37.53
C THR D 78 28.68 -12.09 37.41
N PRO D 79 29.80 -11.62 36.88
CA PRO D 79 30.03 -10.17 36.79
C PRO D 79 29.14 -9.56 35.71
N LEU D 80 28.59 -8.38 36.01
CA LEU D 80 27.85 -7.65 34.99
C LEU D 80 28.74 -7.31 33.81
N LYS D 81 30.05 -7.20 34.06
CA LYS D 81 30.99 -6.91 32.99
C LYS D 81 31.00 -8.00 31.93
N THR D 82 30.78 -9.26 32.32
CA THR D 82 30.72 -10.34 31.34
C THR D 82 29.45 -10.25 30.50
N ILE D 83 28.32 -9.91 31.10
CA ILE D 83 27.09 -9.75 30.32
C ILE D 83 27.23 -8.57 29.36
N THR D 84 27.68 -7.42 29.85
CA THR D 84 27.85 -6.25 29.00
C THR D 84 28.83 -6.53 27.87
N ARG D 85 29.94 -7.21 28.19
CA ARG D 85 30.89 -7.58 27.14
C ARG D 85 30.28 -8.58 26.17
N PHE D 86 29.33 -9.39 26.62
CA PHE D 86 28.78 -10.45 25.77
C PHE D 86 27.74 -9.91 24.78
N TYR D 87 26.82 -9.08 25.25
CA TYR D 87 25.83 -8.51 24.35
C TYR D 87 26.34 -7.29 23.60
N ASN D 88 27.05 -6.39 24.29
CA ASN D 88 27.47 -5.11 23.73
C ASN D 88 26.32 -4.38 23.04
N HIS D 89 25.38 -3.90 23.83
CA HIS D 89 24.24 -3.14 23.32
C HIS D 89 24.65 -1.69 23.06
N PRO D 90 24.06 -1.04 22.06
CA PRO D 90 24.45 0.35 21.76
C PRO D 90 23.91 1.34 22.78
N VAL D 91 24.71 2.35 23.08
CA VAL D 91 24.30 3.48 23.91
C VAL D 91 23.89 4.63 22.99
N HIS D 92 22.80 5.31 23.33
CA HIS D 92 22.22 6.37 22.52
C HIS D 92 22.35 7.71 23.24
N PHE D 93 22.96 8.68 22.55
CA PHE D 93 23.05 10.05 23.04
C PHE D 93 22.17 10.96 22.19
N VAL D 94 21.68 12.04 22.79
CA VAL D 94 20.80 12.96 22.09
C VAL D 94 20.95 14.36 22.68
N PHE D 95 20.77 15.37 21.83
CA PHE D 95 20.89 16.77 22.21
C PHE D 95 19.71 17.19 23.06
N HIS D 96 19.97 18.08 24.02
CA HIS D 96 18.93 18.52 24.94
C HIS D 96 17.82 19.33 24.25
N ASP D 97 18.10 19.91 23.09
CA ASP D 97 17.09 20.64 22.32
C ASP D 97 16.24 19.75 21.43
N THR D 98 16.55 18.46 21.34
CA THR D 98 15.84 17.57 20.42
C THR D 98 14.38 17.44 20.84
N LYS D 99 13.47 17.69 19.89
CA LYS D 99 12.04 17.58 20.17
C LYS D 99 11.60 16.12 20.17
N LEU D 100 10.46 15.87 20.83
CA LEU D 100 10.08 14.50 21.17
C LEU D 100 9.87 13.64 19.94
N ASP D 101 9.22 14.19 18.91
CA ASP D 101 8.94 13.40 17.71
C ASP D 101 10.25 13.00 17.03
N ALA D 102 11.22 13.92 16.98
CA ALA D 102 12.55 13.57 16.49
C ALA D 102 13.16 12.43 17.29
N MET D 103 12.99 12.45 18.62
CA MET D 103 13.46 11.34 19.44
C MET D 103 12.78 10.03 19.03
N LEU D 104 11.48 10.09 18.77
CA LEU D 104 10.76 8.92 18.27
C LEU D 104 11.37 8.44 16.96
N GLU D 105 11.81 9.36 16.11
CA GLU D 105 12.49 8.96 14.88
C GLU D 105 13.78 8.23 15.18
N GLU D 106 14.57 8.77 16.12
CA GLU D 106 15.85 8.13 16.47
C GLU D 106 15.62 6.73 17.01
N PHE D 107 14.66 6.56 17.93
CA PHE D 107 14.33 5.22 18.42
C PHE D 107 13.85 4.32 17.30
N LYS D 108 13.07 4.89 16.37
CA LYS D 108 12.46 4.11 15.29
C LYS D 108 13.50 3.48 14.38
N LYS D 109 14.68 4.09 14.29
CA LYS D 109 15.77 3.59 13.47
C LYS D 109 16.39 2.32 14.03
N GLY D 110 15.94 1.85 15.19
CA GLY D 110 16.43 0.62 15.78
C GLY D 110 17.35 0.82 16.96
N LYS D 111 17.67 2.06 17.31
CA LYS D 111 18.54 2.32 18.45
C LYS D 111 17.86 1.86 19.74
N SER D 112 18.68 1.74 20.79
CA SER D 112 18.16 1.38 22.10
C SER D 112 17.07 2.36 22.51
N HIS D 113 16.11 1.88 23.29
CA HIS D 113 14.96 2.68 23.66
C HIS D 113 15.21 3.54 24.89
N LEU D 114 16.46 3.60 25.35
CA LEU D 114 16.92 4.59 26.31
C LEU D 114 17.97 5.47 25.65
N ALA D 115 17.85 6.79 25.82
CA ALA D 115 18.77 7.76 25.25
C ALA D 115 19.24 8.73 26.33
N ILE D 116 20.50 9.16 26.22
CA ILE D 116 21.11 10.06 27.19
C ILE D 116 21.08 11.47 26.65
N VAL D 117 20.74 12.44 27.50
CA VAL D 117 20.54 13.83 27.11
C VAL D 117 21.83 14.59 27.36
N GLN D 118 22.24 15.40 26.38
CA GLN D 118 23.55 16.05 26.39
C GLN D 118 23.39 17.53 26.12
N LYS D 119 23.91 18.36 27.02
CA LYS D 119 24.02 19.80 26.83
C LYS D 119 25.49 20.17 26.65
N VAL D 120 25.74 21.24 25.90
CA VAL D 120 27.08 21.79 25.76
C VAL D 120 27.31 22.79 26.88
N ASN D 121 28.48 22.69 27.53
CA ASN D 121 28.79 23.44 28.75
C ASN D 121 29.94 24.41 28.45
N ASN D 122 29.63 25.70 28.43
CA ASN D 122 30.62 26.73 28.14
C ASN D 122 31.27 27.32 29.39
N GLU D 123 30.81 26.93 30.59
CA GLU D 123 31.05 27.74 31.79
C GLU D 123 32.49 27.68 32.29
N GLY D 124 33.35 26.84 31.73
CA GLY D 124 34.72 26.82 32.22
C GLY D 124 35.62 25.72 31.72
N ASP D 127 38.90 23.80 28.40
CA ASP D 127 38.09 23.62 27.19
C ASP D 127 36.69 23.11 27.53
N PRO D 128 35.70 23.62 26.79
CA PRO D 128 34.31 23.20 27.04
C PRO D 128 34.07 21.75 26.65
N PHE D 129 33.00 21.19 27.21
CA PHE D 129 32.69 19.77 27.14
C PHE D 129 31.19 19.57 27.00
N TYR D 130 30.80 18.32 26.71
CA TYR D 130 29.40 17.91 26.70
C TYR D 130 28.99 17.41 28.09
N GLU D 131 27.79 17.79 28.52
CA GLU D 131 27.29 17.51 29.87
C GLU D 131 26.14 16.52 29.80
N VAL D 132 26.14 15.55 30.72
CA VAL D 132 25.10 14.53 30.76
C VAL D 132 24.03 15.00 31.75
N LEU D 133 22.87 15.38 31.22
CA LEU D 133 21.79 15.91 32.06
C LEU D 133 20.96 14.79 32.68
N GLY D 134 20.66 13.75 31.91
CA GLY D 134 19.82 12.69 32.40
C GLY D 134 19.48 11.73 31.27
N LEU D 135 18.41 10.97 31.47
CA LEU D 135 17.96 9.99 30.50
C LEU D 135 16.54 10.32 30.03
N VAL D 136 16.21 9.81 28.85
CA VAL D 136 14.86 9.85 28.31
C VAL D 136 14.60 8.52 27.62
N THR D 137 13.45 7.91 27.88
CA THR D 137 13.11 6.63 27.30
C THR D 137 11.91 6.79 26.39
N LEU D 138 11.78 5.85 25.45
CA LEU D 138 10.60 5.78 24.60
C LEU D 138 9.32 5.80 25.43
N GLU D 139 9.33 5.04 26.52
CA GLU D 139 8.18 4.97 27.42
C GLU D 139 7.89 6.34 28.03
N ASP D 140 8.94 7.05 28.44
CA ASP D 140 8.80 8.44 28.90
C ASP D 140 8.05 9.29 27.89
N VAL D 141 8.47 9.20 26.63
CA VAL D 141 7.83 9.98 25.57
C VAL D 141 6.34 9.66 25.47
N ILE D 142 6.02 8.37 25.36
CA ILE D 142 4.62 7.98 25.17
C ILE D 142 3.78 8.43 26.36
N GLU D 143 4.30 8.25 27.57
CA GLU D 143 3.62 8.76 28.76
C GLU D 143 3.36 10.26 28.64
N GLU D 144 4.38 11.02 28.24
CA GLU D 144 4.18 12.46 28.09
C GLU D 144 3.20 12.80 26.98
N ILE D 145 2.89 11.86 26.09
CA ILE D 145 1.78 12.14 25.16
C ILE D 145 0.44 11.90 25.83
N ILE D 146 0.28 10.81 26.58
CA ILE D 146 -1.07 10.54 27.09
C ILE D 146 -1.47 11.50 28.22
N LYS D 147 -0.52 12.18 28.84
CA LYS D 147 -0.89 13.13 29.90
C LYS D 147 -1.19 14.51 29.32
#